data_5MPZ
#
_entry.id   5MPZ
#
_cell.length_a   44.057
_cell.length_b   44.658
_cell.length_c   60.211
_cell.angle_alpha   90.00
_cell.angle_beta   90.00
_cell.angle_gamma   90.00
#
_symmetry.space_group_name_H-M   'P 21 21 21'
#
loop_
_entity.id
_entity.type
_entity.pdbx_description
1 polymer 'CREB-binding protein'
2 non-polymer 'methyl 2-oxidanylidene-3~{H}-1,3-benzoxazole-6-carboxylate'
3 water water
#
_entity_poly.entity_id   1
_entity_poly.type   'polypeptide(L)'
_entity_poly.pdbx_seq_one_letter_code
;SMRKKIFKPEELRQALMPTLEALYRQDPESLPFRQPVDPQLLGIPDYFDIVKNPMDLSTIKRKLDTGQYQEPWQYVDDVW
LMFNNAWLYNRKTSRVYKFCSKLAEVFEQEIDPVMQSLG
;
_entity_poly.pdbx_strand_id   A
#
loop_
_chem_comp.id
_chem_comp.type
_chem_comp.name
_chem_comp.formula
4I8 non-polymer 'methyl 2-oxidanylidene-3~{H}-1,3-benzoxazole-6-carboxylate' 'C9 H7 N O4'
#
# COMPACT_ATOMS: atom_id res chain seq x y z
N ILE A 6 -9.37 18.47 -10.98
CA ILE A 6 -8.50 17.89 -11.99
C ILE A 6 -7.03 18.04 -11.60
N PHE A 7 -6.32 16.93 -11.50
CA PHE A 7 -4.89 16.94 -11.21
C PHE A 7 -4.12 16.66 -12.49
N LYS A 8 -3.06 17.44 -12.72
CA LYS A 8 -2.14 17.09 -13.79
C LYS A 8 -1.09 16.14 -13.24
N PRO A 9 -0.44 15.34 -14.09
CA PRO A 9 0.50 14.33 -13.56
C PRO A 9 1.58 14.93 -12.68
N GLU A 10 2.07 16.13 -13.02
CA GLU A 10 3.13 16.77 -12.26
C GLU A 10 2.68 17.23 -10.88
N GLU A 11 1.36 17.30 -10.63
CA GLU A 11 0.82 17.67 -9.33
C GLU A 11 0.61 16.49 -8.41
N LEU A 12 0.71 15.26 -8.92
CA LEU A 12 0.25 14.11 -8.14
C LEU A 12 1.09 13.91 -6.88
N ARG A 13 2.41 14.05 -6.98
CA ARG A 13 3.23 13.78 -5.80
C ARG A 13 2.91 14.76 -4.67
N GLN A 14 2.87 16.05 -4.96
CA GLN A 14 2.61 17.01 -3.89
C GLN A 14 1.24 16.78 -3.26
N ALA A 15 0.23 16.42 -4.07
CA ALA A 15 -1.12 16.24 -3.54
C ALA A 15 -1.27 14.92 -2.79
N LEU A 16 -0.65 13.85 -3.28
CA LEU A 16 -0.90 12.51 -2.78
C LEU A 16 0.16 12.01 -1.80
N MET A 17 1.38 12.51 -1.88
CA MET A 17 2.40 12.05 -0.94
C MET A 17 2.01 12.18 0.53
N PRO A 18 1.31 13.24 0.97
CA PRO A 18 0.92 13.27 2.39
C PRO A 18 0.09 12.07 2.80
N THR A 19 -0.74 11.52 1.90
CA THR A 19 -1.53 10.35 2.25
C THR A 19 -0.65 9.11 2.41
N LEU A 20 0.40 9.00 1.60
CA LEU A 20 1.33 7.88 1.73
C LEU A 20 2.20 8.02 2.97
N GLU A 21 2.69 9.24 3.24
CA GLU A 21 3.44 9.51 4.45
C GLU A 21 2.64 9.17 5.70
N ALA A 22 1.33 9.41 5.68
CA ALA A 22 0.50 9.07 6.83
C ALA A 22 0.51 7.58 7.11
N LEU A 23 0.58 6.75 6.05
CA LEU A 23 0.67 5.31 6.26
C LEU A 23 2.01 4.93 6.85
N TYR A 24 3.10 5.44 6.28
CA TYR A 24 4.43 5.14 6.80
C TYR A 24 4.58 5.55 8.26
N ARG A 25 3.89 6.62 8.67
N ARG A 25 3.88 6.62 8.65
CA ARG A 25 4.05 7.11 10.04
CA ARG A 25 3.99 7.15 10.01
C ARG A 25 3.44 6.17 11.06
C ARG A 25 3.42 6.20 11.05
N GLN A 26 2.55 5.27 10.63
CA GLN A 26 2.00 4.29 11.56
C GLN A 26 3.07 3.24 11.84
N ASP A 27 3.53 3.19 13.10
CA ASP A 27 4.58 2.27 13.51
C ASP A 27 4.07 1.62 14.79
N PRO A 28 3.97 0.29 14.87
CA PRO A 28 4.51 -0.73 13.95
C PRO A 28 3.61 -1.11 12.77
N GLU A 29 2.44 -0.49 12.62
CA GLU A 29 1.44 -1.02 11.69
C GLU A 29 1.96 -1.06 10.25
N SER A 30 2.77 -0.09 9.85
CA SER A 30 3.23 -0.09 8.46
C SER A 30 4.42 -1.00 8.19
N LEU A 31 5.11 -1.48 9.23
CA LEU A 31 6.37 -2.18 8.99
C LEU A 31 6.25 -3.37 8.05
N PRO A 32 5.23 -4.24 8.14
CA PRO A 32 5.14 -5.35 7.18
C PRO A 32 4.84 -4.93 5.77
N PHE A 33 4.49 -3.66 5.55
CA PHE A 33 4.08 -3.15 4.26
C PHE A 33 5.14 -2.28 3.61
N ARG A 34 6.27 -2.04 4.29
CA ARG A 34 7.26 -1.08 3.78
C ARG A 34 8.10 -1.62 2.64
N GLN A 35 8.20 -2.93 2.49
N GLN A 35 8.26 -2.94 2.53
CA GLN A 35 9.02 -3.56 1.46
CA GLN A 35 9.03 -3.58 1.48
C GLN A 35 8.20 -4.70 0.88
C GLN A 35 8.21 -4.71 0.88
N PRO A 36 8.52 -5.14 -0.35
CA PRO A 36 7.76 -6.25 -0.94
C PRO A 36 7.84 -7.49 -0.06
N VAL A 37 6.70 -8.17 0.09
CA VAL A 37 6.69 -9.46 0.78
C VAL A 37 7.72 -10.37 0.14
N ASP A 38 8.63 -10.93 0.94
CA ASP A 38 9.66 -11.85 0.48
C ASP A 38 9.30 -13.23 1.01
N PRO A 39 8.68 -14.09 0.20
CA PRO A 39 8.12 -15.34 0.74
C PRO A 39 9.14 -16.28 1.33
N GLN A 40 10.32 -16.41 0.72
CA GLN A 40 11.32 -17.29 1.30
C GLN A 40 11.87 -16.71 2.60
N LEU A 41 12.15 -15.41 2.61
CA LEU A 41 12.65 -14.74 3.81
C LEU A 41 11.69 -14.91 4.98
N LEU A 42 10.41 -14.65 4.74
CA LEU A 42 9.39 -14.67 5.79
C LEU A 42 8.87 -16.06 6.11
N GLY A 43 9.32 -17.08 5.39
CA GLY A 43 8.84 -18.43 5.64
C GLY A 43 7.39 -18.66 5.27
N ILE A 44 6.94 -18.07 4.17
CA ILE A 44 5.58 -18.25 3.66
C ILE A 44 5.67 -18.61 2.18
N PRO A 45 6.14 -19.81 1.83
CA PRO A 45 6.44 -20.12 0.44
C PRO A 45 5.23 -20.16 -0.48
N ASP A 46 4.02 -20.24 0.05
CA ASP A 46 2.83 -20.26 -0.80
C ASP A 46 2.33 -18.87 -1.19
N TYR A 47 3.02 -17.81 -0.77
CA TYR A 47 2.50 -16.45 -0.92
C TYR A 47 2.14 -16.12 -2.38
N PHE A 48 3.07 -16.37 -3.31
CA PHE A 48 2.81 -16.01 -4.70
C PHE A 48 1.80 -16.95 -5.37
N ASP A 49 1.52 -18.12 -4.77
CA ASP A 49 0.45 -18.97 -5.27
C ASP A 49 -0.91 -18.36 -4.97
N ILE A 50 -0.99 -17.59 -3.90
CA ILE A 50 -2.24 -17.02 -3.42
CA ILE A 50 -2.26 -17.02 -3.44
C ILE A 50 -2.45 -15.60 -3.94
N VAL A 51 -1.40 -14.79 -3.91
CA VAL A 51 -1.45 -13.39 -4.26
C VAL A 51 -0.89 -13.22 -5.68
N LYS A 52 -1.74 -12.77 -6.60
CA LYS A 52 -1.36 -12.71 -8.00
C LYS A 52 -0.59 -11.44 -8.36
N ASN A 53 -0.88 -10.31 -7.71
N ASN A 53 -0.84 -10.33 -7.68
CA ASN A 53 -0.27 -9.03 -8.04
CA ASN A 53 -0.28 -9.03 -8.06
C ASN A 53 0.18 -8.35 -6.76
C ASN A 53 0.20 -8.31 -6.80
N PRO A 54 1.36 -8.68 -6.28
CA PRO A 54 1.85 -8.05 -5.04
C PRO A 54 2.01 -6.54 -5.18
N MET A 55 1.87 -5.85 -4.04
CA MET A 55 2.08 -4.41 -3.97
C MET A 55 2.48 -4.04 -2.56
N ASP A 56 3.30 -3.00 -2.42
CA ASP A 56 3.76 -2.56 -1.11
C ASP A 56 4.08 -1.07 -1.15
N LEU A 57 4.35 -0.50 0.03
CA LEU A 57 4.58 0.94 0.12
C LEU A 57 5.78 1.39 -0.70
N SER A 58 6.86 0.60 -0.73
CA SER A 58 8.06 1.04 -1.44
C SER A 58 7.80 1.14 -2.93
N THR A 59 6.99 0.23 -3.47
CA THR A 59 6.66 0.26 -4.89
C THR A 59 5.78 1.46 -5.20
N ILE A 60 4.78 1.71 -4.36
CA ILE A 60 3.92 2.87 -4.53
C ILE A 60 4.73 4.15 -4.44
N LYS A 61 5.64 4.23 -3.46
CA LYS A 61 6.44 5.43 -3.30
C LYS A 61 7.32 5.66 -4.51
N ARG A 62 7.93 4.59 -5.05
CA ARG A 62 8.78 4.76 -6.21
C ARG A 62 7.97 5.25 -7.40
N LYS A 63 6.77 4.70 -7.59
CA LYS A 63 5.93 5.14 -8.70
C LYS A 63 5.54 6.60 -8.53
N LEU A 64 5.25 7.03 -7.32
CA LEU A 64 4.84 8.40 -7.07
C LEU A 64 6.02 9.35 -7.16
N ASP A 65 7.21 8.91 -6.74
CA ASP A 65 8.41 9.74 -6.84
C ASP A 65 8.84 9.98 -8.29
N THR A 66 8.69 8.97 -9.15
CA THR A 66 9.32 8.99 -10.47
C THR A 66 8.34 9.28 -11.60
N GLY A 67 7.12 9.68 -11.28
CA GLY A 67 6.17 10.11 -12.30
C GLY A 67 5.49 8.99 -13.06
N GLN A 68 5.39 7.79 -12.46
N GLN A 68 5.40 7.80 -12.48
CA GLN A 68 4.76 6.67 -13.15
CA GLN A 68 4.75 6.71 -13.19
C GLN A 68 3.24 6.70 -13.08
C GLN A 68 3.24 6.88 -13.20
N TYR A 69 2.66 7.46 -12.17
CA TYR A 69 1.21 7.64 -12.12
C TYR A 69 0.84 8.81 -12.99
N GLN A 70 -0.20 8.64 -13.81
CA GLN A 70 -0.69 9.73 -14.62
C GLN A 70 -1.99 10.32 -14.11
N GLU A 71 -2.77 9.54 -13.35
CA GLU A 71 -4.03 10.00 -12.79
C GLU A 71 -4.13 9.51 -11.36
N PRO A 72 -4.85 10.24 -10.49
CA PRO A 72 -4.92 9.82 -9.09
C PRO A 72 -5.51 8.44 -8.89
N TRP A 73 -6.40 7.99 -9.78
CA TRP A 73 -7.02 6.68 -9.58
C TRP A 73 -5.98 5.57 -9.56
N GLN A 74 -4.86 5.75 -10.27
CA GLN A 74 -3.85 4.70 -10.34
C GLN A 74 -3.14 4.53 -9.01
N TYR A 75 -2.88 5.63 -8.31
CA TYR A 75 -2.31 5.57 -6.97
C TYR A 75 -3.28 4.91 -5.99
N VAL A 76 -4.52 5.39 -5.95
CA VAL A 76 -5.55 4.81 -5.08
C VAL A 76 -5.70 3.31 -5.34
N ASP A 77 -5.68 2.92 -6.62
CA ASP A 77 -5.81 1.52 -7.00
C ASP A 77 -4.69 0.67 -6.41
N ASP A 78 -3.44 1.15 -6.48
CA ASP A 78 -2.32 0.41 -5.92
C ASP A 78 -2.43 0.31 -4.39
N VAL A 79 -2.87 1.38 -3.73
CA VAL A 79 -3.02 1.32 -2.27
C VAL A 79 -4.01 0.24 -1.89
N TRP A 80 -5.18 0.20 -2.56
CA TRP A 80 -6.17 -0.82 -2.24
C TRP A 80 -5.70 -2.22 -2.64
N LEU A 81 -4.91 -2.33 -3.70
CA LEU A 81 -4.31 -3.63 -4.04
C LEU A 81 -3.47 -4.15 -2.88
N MET A 82 -2.61 -3.28 -2.34
CA MET A 82 -1.76 -3.65 -1.21
C MET A 82 -2.60 -4.13 -0.03
N PHE A 83 -3.64 -3.37 0.33
CA PHE A 83 -4.47 -3.77 1.47
C PHE A 83 -5.21 -5.08 1.19
N ASN A 84 -5.80 -5.20 0.01
CA ASN A 84 -6.58 -6.41 -0.29
C ASN A 84 -5.71 -7.65 -0.37
N ASN A 85 -4.48 -7.52 -0.85
CA ASN A 85 -3.57 -8.66 -0.83
C ASN A 85 -3.34 -9.15 0.58
N ALA A 86 -3.17 -8.21 1.53
CA ALA A 86 -2.89 -8.61 2.90
C ALA A 86 -4.11 -9.20 3.57
N TRP A 87 -5.30 -8.66 3.28
CA TRP A 87 -6.53 -9.26 3.80
C TRP A 87 -6.78 -10.64 3.20
N LEU A 88 -6.37 -10.84 1.94
CA LEU A 88 -6.56 -12.12 1.28
C LEU A 88 -5.63 -13.18 1.85
N TYR A 89 -4.34 -12.87 1.97
CA TYR A 89 -3.38 -13.90 2.33
C TYR A 89 -3.43 -14.24 3.82
N ASN A 90 -3.60 -13.24 4.68
CA ASN A 90 -3.45 -13.42 6.12
C ASN A 90 -4.81 -13.71 6.76
N ARG A 91 -4.78 -14.47 7.86
CA ARG A 91 -6.03 -14.81 8.53
C ARG A 91 -6.56 -13.62 9.31
N LYS A 92 -7.90 -13.60 9.50
CA LYS A 92 -8.53 -12.47 10.20
C LYS A 92 -7.95 -12.25 11.59
N THR A 93 -7.45 -13.31 12.23
CA THR A 93 -6.90 -13.24 13.58
C THR A 93 -5.46 -12.78 13.62
N SER A 94 -4.82 -12.57 12.48
CA SER A 94 -3.38 -12.36 12.44
C SER A 94 -3.01 -10.91 12.63
N ARG A 95 -1.76 -10.71 13.09
CA ARG A 95 -1.23 -9.38 13.31
C ARG A 95 -1.23 -8.56 12.03
N VAL A 96 -0.78 -9.15 10.91
CA VAL A 96 -0.73 -8.38 9.66
C VAL A 96 -2.13 -7.97 9.20
N TYR A 97 -3.12 -8.86 9.33
CA TYR A 97 -4.48 -8.51 8.92
C TYR A 97 -5.01 -7.34 9.73
N LYS A 98 -4.80 -7.37 11.05
CA LYS A 98 -5.26 -6.29 11.90
C LYS A 98 -4.51 -4.98 11.62
N PHE A 99 -3.20 -5.07 11.36
CA PHE A 99 -2.46 -3.89 10.96
C PHE A 99 -3.02 -3.32 9.66
N CYS A 100 -3.28 -4.20 8.68
CA CYS A 100 -3.87 -3.77 7.42
C CYS A 100 -5.16 -2.98 7.65
N SER A 101 -6.02 -3.46 8.53
CA SER A 101 -7.28 -2.75 8.78
C SER A 101 -7.03 -1.37 9.36
N LYS A 102 -6.05 -1.24 10.27
CA LYS A 102 -5.72 0.08 10.80
C LYS A 102 -5.20 1.01 9.71
N LEU A 103 -4.32 0.52 8.85
CA LEU A 103 -3.79 1.36 7.78
C LEU A 103 -4.89 1.78 6.81
N ALA A 104 -5.83 0.87 6.52
CA ALA A 104 -6.90 1.22 5.60
C ALA A 104 -7.79 2.32 6.19
N GLU A 105 -8.01 2.31 7.51
CA GLU A 105 -8.77 3.38 8.14
C GLU A 105 -8.04 4.71 8.06
N VAL A 106 -6.72 4.71 8.31
CA VAL A 106 -5.94 5.93 8.14
C VAL A 106 -6.02 6.42 6.70
N PHE A 107 -5.90 5.51 5.74
CA PHE A 107 -5.91 5.91 4.34
C PHE A 107 -7.23 6.56 3.96
N GLU A 108 -8.35 5.95 4.34
CA GLU A 108 -9.65 6.52 4.01
C GLU A 108 -9.78 7.94 4.57
N GLN A 109 -9.29 8.17 5.79
CA GLN A 109 -9.37 9.49 6.39
C GLN A 109 -8.50 10.51 5.67
N GLU A 110 -7.36 10.09 5.12
CA GLU A 110 -6.44 11.01 4.46
C GLU A 110 -6.78 11.26 3.01
N ILE A 111 -7.28 10.24 2.30
CA ILE A 111 -7.51 10.37 0.87
C ILE A 111 -8.81 11.12 0.56
N ASP A 112 -9.80 11.03 1.45
CA ASP A 112 -11.10 11.66 1.16
C ASP A 112 -11.03 13.16 0.96
N PRO A 113 -10.41 13.95 1.83
CA PRO A 113 -10.32 15.40 1.56
C PRO A 113 -9.51 15.73 0.32
N VAL A 114 -8.52 14.91 -0.04
CA VAL A 114 -7.70 15.19 -1.21
C VAL A 114 -8.51 15.00 -2.50
N MET A 115 -9.31 13.95 -2.57
CA MET A 115 -10.07 13.65 -3.78
C MET A 115 -11.30 14.53 -3.94
CAA 4I8 B . 2.01 -7.32 3.88
CAD 4I8 B . 4.06 -9.90 6.13
CAE 4I8 B . 4.74 -10.70 7.01
CAF 4I8 B . 2.52 -11.69 5.79
CAJ 4I8 B . 2.25 -9.54 4.63
CAK 4I8 B . 2.93 -10.39 5.50
CAL 4I8 B . 4.05 -13.93 7.98
CAM 4I8 B . 4.32 -11.93 7.26
CAN 4I8 B . 3.22 -12.42 6.66
NAG 4I8 B . 4.83 -12.87 8.08
OAB 4I8 B . 1.23 -9.88 4.00
OAC 4I8 B . 4.23 -14.97 8.59
OAH 4I8 B . 2.76 -8.28 4.63
OAI 4I8 B . 3.03 -13.68 7.11
CAA 4I8 C . -8.75 -0.40 -12.23
CAD 4I8 C . -9.46 3.09 -15.20
CAE 4I8 C . -9.77 4.44 -15.40
CAF 4I8 C . -10.19 3.35 -12.91
CAJ 4I8 C . -9.39 1.20 -13.70
CAK 4I8 C . -9.69 2.55 -13.93
CAL 4I8 C . -11.04 6.72 -13.14
CAM 4I8 C . -10.26 5.16 -14.39
CAN 4I8 C . -10.46 4.63 -13.17
NAG 4I8 C . -10.61 6.46 -14.37
OAB 4I8 C . -9.06 0.46 -14.63
OAC 4I8 C . -11.44 7.82 -12.75
OAH 4I8 C . -9.54 0.79 -12.43
OAI 4I8 C . -10.97 5.64 -12.37
#